data_5LMB
#
_entry.id   5LMB
#
_cell.length_a   39.849
_cell.length_b   41.780
_cell.length_c   86.991
_cell.angle_alpha   99.810
_cell.angle_beta   90.410
_cell.angle_gamma   100.030
#
_symmetry.space_group_name_H-M   'P 1'
#
loop_
_entity.id
_entity.type
_entity.pdbx_description
1 polymer 'Tyrosine-protein kinase SYK'
2 non-polymer 7-[6-(dimethylamino)pyridin-3-yl]-~{N}-[[(3~{S})-piperidin-3-yl]methyl]pyrido[3,4-b]pyrazin-5-amine
3 non-polymer GLYCEROL
4 water water
#
_entity_poly.entity_id   1
_entity_poly.type   'polypeptide(L)'
_entity_poly.pdbx_seq_one_letter_code
;GPKEVYLDRKLLTLEDKELGSGNFGTVKKGYYQMKKVVKTVAVKILKNEANDPALKDELLAEANVMQQLDNPYIVRMIGI
CEAESWMLVMEMAELGPLNKYLQQNRHVKDKNIIELVHQVSMGMKYLEESNFVHRDLAARNVLLVTQHYAKISDFGLSKA
LRADEN(PTR)YKAQTHGKWPVKWYAPECINYYKFSSKSDVWSFGVLMWEAFSYGQKPYRGMKGSEVTAMLEKGERMGCP
AGCPREMYDLMNLCWTYDVENRPGFAAVELRLRNYYYDVVN
;
_entity_poly.pdbx_strand_id   A,B
#
loop_
_chem_comp.id
_chem_comp.type
_chem_comp.name
_chem_comp.formula
6ZF non-polymer 7-[6-(dimethylamino)pyridin-3-yl]-~{N}-[[(3~{S})-piperidin-3-yl]methyl]pyrido[3,4-b]pyrazin-5-amine 'C20 H25 N7'
GOL non-polymer GLYCEROL 'C3 H8 O3'
#
# COMPACT_ATOMS: atom_id res chain seq x y z
N TYR A 6 -3.93 18.27 19.08
CA TYR A 6 -4.29 16.89 19.48
C TYR A 6 -5.31 16.28 18.54
N LEU A 7 -5.09 15.02 18.18
CA LEU A 7 -5.92 14.33 17.21
C LEU A 7 -7.13 13.63 17.84
N ASP A 8 -8.18 13.51 17.06
CA ASP A 8 -9.43 12.88 17.50
C ASP A 8 -9.32 11.37 17.32
N ARG A 9 -9.25 10.64 18.44
CA ARG A 9 -9.14 9.17 18.41
C ARG A 9 -10.23 8.47 17.58
N LYS A 10 -11.41 9.09 17.48
CA LYS A 10 -12.51 8.52 16.71
C LYS A 10 -12.24 8.54 15.19
N LEU A 11 -11.34 9.43 14.75
CA LEU A 11 -10.93 9.50 13.34
C LEU A 11 -9.70 8.62 13.02
N LEU A 12 -9.14 7.95 14.03
CA LEU A 12 -8.02 7.04 13.86
C LEU A 12 -8.46 5.59 13.97
N THR A 13 -8.11 4.80 12.97
CA THR A 13 -8.36 3.37 12.97
C THR A 13 -7.00 2.69 12.97
N LEU A 14 -6.82 1.71 13.85
CA LEU A 14 -5.58 0.97 13.94
C LEU A 14 -5.68 -0.45 13.37
N GLU A 15 -4.74 -0.84 12.53
CA GLU A 15 -4.64 -2.24 12.09
C GLU A 15 -3.95 -3.02 13.22
N ASP A 16 -4.13 -4.33 13.22
CA ASP A 16 -3.57 -5.19 14.28
C ASP A 16 -2.06 -5.44 14.18
N LYS A 17 -1.53 -5.51 12.96
CA LYS A 17 -0.13 -5.89 12.75
C LYS A 17 0.82 -4.74 13.06
N GLU A 18 1.85 -5.06 13.85
CA GLU A 18 2.81 -4.07 14.29
C GLU A 18 3.94 -3.89 13.28
N LEU A 19 4.33 -2.64 13.10
CA LEU A 19 5.45 -2.27 12.28
C LEU A 19 6.75 -2.36 13.09
N GLY A 20 6.62 -2.33 14.42
CA GLY A 20 7.76 -2.39 15.33
C GLY A 20 7.31 -2.50 16.77
N SER A 21 8.28 -2.53 17.68
CA SER A 21 7.99 -2.62 19.12
C SER A 21 9.19 -2.19 19.95
N GLY A 22 9.00 -2.14 21.27
CA GLY A 22 10.05 -1.78 22.22
C GLY A 22 9.50 -1.78 23.63
N ASN A 23 10.29 -1.27 24.58
CA ASN A 23 9.82 -1.12 25.96
C ASN A 23 8.68 -0.13 26.03
N PHE A 24 8.75 0.90 25.18
CA PHE A 24 7.69 1.91 25.08
C PHE A 24 6.33 1.30 24.73
N GLY A 25 6.34 0.31 23.85
CA GLY A 25 5.12 -0.34 23.37
C GLY A 25 5.30 -0.82 21.94
N THR A 26 4.47 -0.30 21.04
CA THR A 26 4.48 -0.73 19.63
C THR A 26 4.27 0.40 18.64
N VAL A 27 4.55 0.08 17.39
CA VAL A 27 4.27 0.96 16.26
C VAL A 27 3.34 0.13 15.39
N LYS A 28 2.19 0.69 15.03
CA LYS A 28 1.22 -0.04 14.21
C LYS A 28 0.74 0.82 13.07
N LYS A 29 0.38 0.16 11.98
CA LYS A 29 -0.23 0.81 10.84
C LYS A 29 -1.65 1.25 11.24
N GLY A 30 -2.12 2.29 10.60
CA GLY A 30 -3.48 2.75 10.80
C GLY A 30 -3.92 3.66 9.69
N TYR A 31 -5.14 4.19 9.83
CA TYR A 31 -5.72 5.09 8.85
C TYR A 31 -6.33 6.23 9.65
N TYR A 32 -5.99 7.47 9.28
CA TYR A 32 -6.48 8.63 10.00
C TYR A 32 -7.29 9.51 9.06
N GLN A 33 -8.54 9.74 9.43
CA GLN A 33 -9.46 10.50 8.59
C GLN A 33 -9.22 12.00 8.75
N MET A 34 -8.58 12.58 7.74
CA MET A 34 -8.31 14.02 7.72
C MET A 34 -9.26 14.72 6.75
N LYS A 35 -10.12 15.56 7.29
CA LYS A 35 -11.10 16.32 6.50
C LYS A 35 -11.94 15.45 5.57
N LYS A 36 -11.42 15.17 4.38
CA LYS A 36 -12.16 14.52 3.31
C LYS A 36 -11.63 13.15 2.89
N VAL A 37 -10.39 12.84 3.25
CA VAL A 37 -9.74 11.59 2.85
C VAL A 37 -9.09 10.92 4.03
N VAL A 38 -8.66 9.68 3.84
CA VAL A 38 -7.87 8.97 4.83
C VAL A 38 -6.42 9.13 4.50
N LYS A 39 -5.59 9.17 5.54
N LYS A 39 -5.60 9.19 5.54
CA LYS A 39 -4.16 9.27 5.38
CA LYS A 39 -4.16 9.25 5.41
C LYS A 39 -3.61 7.99 6.01
C LYS A 39 -3.64 7.95 6.01
N THR A 40 -2.77 7.26 5.28
CA THR A 40 -2.16 6.06 5.81
C THR A 40 -1.08 6.50 6.79
N VAL A 41 -1.13 5.96 8.01
CA VAL A 41 -0.24 6.39 9.09
C VAL A 41 0.41 5.24 9.84
N ALA A 42 1.53 5.55 10.48
CA ALA A 42 2.20 4.66 11.40
C ALA A 42 2.08 5.36 12.74
N VAL A 43 1.71 4.60 13.77
CA VAL A 43 1.40 5.19 15.06
C VAL A 43 2.21 4.52 16.17
N LYS A 44 2.99 5.33 16.87
CA LYS A 44 3.75 4.86 18.02
C LYS A 44 2.83 4.88 19.24
N ILE A 45 2.68 3.73 19.89
CA ILE A 45 1.71 3.55 20.99
C ILE A 45 2.39 3.11 22.28
N LEU A 46 2.18 3.85 23.36
CA LEU A 46 2.81 3.55 24.64
C LEU A 46 2.10 2.42 25.38
N PRO A 53 5.36 6.89 34.00
CA PRO A 53 5.28 8.36 33.96
C PRO A 53 6.28 8.98 32.96
N ALA A 54 7.52 8.51 32.97
CA ALA A 54 8.56 9.06 32.11
C ALA A 54 8.29 8.91 30.61
N LEU A 55 7.66 7.80 30.22
CA LEU A 55 7.43 7.54 28.80
C LEU A 55 6.54 8.58 28.13
N LYS A 56 5.54 9.09 28.85
CA LYS A 56 4.67 10.12 28.30
C LYS A 56 5.52 11.32 27.88
N ASP A 57 6.35 11.80 28.80
CA ASP A 57 7.22 12.95 28.56
C ASP A 57 8.13 12.70 27.36
N GLU A 58 8.74 11.52 27.31
CA GLU A 58 9.60 11.14 26.19
C GLU A 58 8.86 11.19 24.86
N LEU A 59 7.65 10.65 24.83
CA LEU A 59 6.86 10.65 23.59
C LEU A 59 6.51 12.07 23.18
N LEU A 60 6.08 12.89 24.15
CA LEU A 60 5.78 14.29 23.86
C LEU A 60 7.04 15.05 23.45
N ALA A 61 8.18 14.71 24.04
CA ALA A 61 9.47 15.28 23.63
C ALA A 61 9.79 14.87 22.19
N GLU A 62 9.63 13.58 21.87
CA GLU A 62 9.82 13.08 20.50
C GLU A 62 8.95 13.84 19.50
N ALA A 63 7.67 14.02 19.84
CA ALA A 63 6.73 14.78 19.01
C ALA A 63 7.17 16.22 18.89
N ASN A 64 7.62 16.79 20.00
CA ASN A 64 8.14 18.16 20.00
C ASN A 64 9.29 18.32 19.01
N VAL A 65 10.15 17.30 18.89
CA VAL A 65 11.25 17.34 17.94
C VAL A 65 10.73 17.27 16.49
N MET A 66 9.86 16.31 16.22
CA MET A 66 9.31 16.12 14.87
C MET A 66 8.50 17.34 14.39
N GLN A 67 7.77 17.96 15.31
CA GLN A 67 7.01 19.19 15.05
C GLN A 67 7.89 20.30 14.49
N GLN A 68 9.11 20.42 15.00
CA GLN A 68 10.04 21.46 14.57
C GLN A 68 10.72 21.17 13.26
N LEU A 69 10.66 19.92 12.79
CA LEU A 69 11.33 19.54 11.56
C LEU A 69 10.39 19.51 10.37
N ASP A 70 10.89 20.02 9.26
CA ASP A 70 10.16 20.08 8.00
C ASP A 70 11.16 19.97 6.88
N ASN A 71 11.23 18.77 6.30
CA ASN A 71 12.20 18.47 5.26
C ASN A 71 11.70 17.23 4.50
N PRO A 72 11.87 17.20 3.17
CA PRO A 72 11.35 16.02 2.43
C PRO A 72 11.92 14.66 2.88
N TYR A 73 13.09 14.66 3.53
CA TYR A 73 13.77 13.41 3.91
C TYR A 73 13.69 13.06 5.40
N ILE A 74 12.70 13.62 6.08
CA ILE A 74 12.41 13.30 7.48
C ILE A 74 10.93 12.96 7.58
N VAL A 75 10.63 11.91 8.33
CA VAL A 75 9.25 11.49 8.55
C VAL A 75 8.45 12.60 9.22
N ARG A 76 7.28 12.87 8.65
CA ARG A 76 6.40 13.94 9.11
C ARG A 76 5.45 13.41 10.16
N MET A 77 5.32 14.15 11.25
CA MET A 77 4.36 13.81 12.29
C MET A 77 3.01 14.42 11.95
N ILE A 78 1.94 13.65 12.15
CA ILE A 78 0.57 14.15 11.97
C ILE A 78 0.15 14.83 13.27
N GLY A 79 0.38 14.14 14.39
CA GLY A 79 0.11 14.73 15.70
C GLY A 79 0.13 13.70 16.81
N ILE A 80 -0.30 14.14 18.00
CA ILE A 80 -0.39 13.27 19.17
C ILE A 80 -1.85 12.96 19.39
N CYS A 81 -2.13 11.77 19.93
CA CYS A 81 -3.51 11.39 20.29
C CYS A 81 -3.57 10.69 21.65
N GLU A 82 -4.24 11.31 22.62
CA GLU A 82 -4.44 10.70 23.94
C GLU A 82 -5.74 9.92 23.95
N ALA A 83 -5.64 8.59 24.02
CA ALA A 83 -6.82 7.73 24.04
C ALA A 83 -6.61 6.62 25.08
N GLU A 84 -6.90 5.36 24.73
CA GLU A 84 -6.61 4.23 25.62
C GLU A 84 -5.14 4.27 26.07
N SER A 85 -4.28 4.85 25.23
CA SER A 85 -2.89 5.15 25.60
C SER A 85 -2.39 6.33 24.76
N TRP A 86 -1.19 6.83 25.08
CA TRP A 86 -0.58 7.92 24.33
C TRP A 86 -0.07 7.47 22.98
N MET A 87 -0.38 8.26 21.94
CA MET A 87 -0.03 7.90 20.57
C MET A 87 0.60 9.04 19.79
N LEU A 88 1.62 8.71 19.00
CA LEU A 88 2.26 9.66 18.11
C LEU A 88 1.96 9.19 16.67
N VAL A 89 1.15 9.95 15.96
CA VAL A 89 0.70 9.58 14.61
C VAL A 89 1.61 10.20 13.55
N MET A 90 2.17 9.36 12.69
CA MET A 90 3.08 9.81 11.63
C MET A 90 2.63 9.33 10.27
N GLU A 91 2.98 10.07 9.21
CA GLU A 91 2.76 9.63 7.83
C GLU A 91 3.52 8.34 7.60
N MET A 92 2.90 7.32 7.00
CA MET A 92 3.57 6.05 6.85
C MET A 92 4.48 5.98 5.64
N ALA A 93 5.67 5.44 5.87
CA ALA A 93 6.63 5.17 4.80
C ALA A 93 6.45 3.68 4.54
N GLU A 94 5.66 3.37 3.53
CA GLU A 94 5.10 2.04 3.39
C GLU A 94 6.05 0.93 3.03
N LEU A 95 7.17 1.24 2.38
CA LEU A 95 8.15 0.18 2.09
C LEU A 95 8.94 -0.19 3.34
N GLY A 96 8.97 0.70 4.34
CA GLY A 96 9.57 0.38 5.62
C GLY A 96 11.08 0.50 5.72
N PRO A 97 11.68 -0.12 6.77
CA PRO A 97 13.12 0.03 7.06
C PRO A 97 14.03 -0.37 5.91
N LEU A 98 15.06 0.43 5.69
CA LEU A 98 15.99 0.24 4.61
C LEU A 98 16.76 -1.07 4.74
N ASN A 99 17.14 -1.43 5.97
CA ASN A 99 17.87 -2.69 6.17
C ASN A 99 17.03 -3.91 5.76
N LYS A 100 15.77 -3.95 6.18
CA LYS A 100 14.89 -5.08 5.85
C LYS A 100 14.56 -5.11 4.35
N TYR A 101 14.36 -3.94 3.76
CA TYR A 101 14.04 -3.85 2.35
C TYR A 101 15.18 -4.42 1.49
N LEU A 102 16.41 -4.03 1.79
CA LEU A 102 17.53 -4.54 1.01
C LEU A 102 17.78 -6.03 1.26
N GLN A 103 17.51 -6.51 2.47
CA GLN A 103 17.64 -7.94 2.78
C GLN A 103 16.75 -8.75 1.85
N GLN A 104 15.56 -8.21 1.59
CA GLN A 104 14.58 -8.89 0.75
C GLN A 104 14.70 -8.56 -0.74
N ASN A 105 15.50 -7.56 -1.08
CA ASN A 105 15.63 -7.11 -2.46
C ASN A 105 17.09 -6.90 -2.85
N ARG A 106 17.80 -8.02 -2.95
CA ARG A 106 19.25 -8.03 -3.20
C ARG A 106 19.66 -7.47 -4.57
N HIS A 107 18.67 -7.34 -5.44
N HIS A 107 18.71 -7.31 -5.49
CA HIS A 107 18.81 -6.84 -6.81
CA HIS A 107 19.06 -6.81 -6.82
C HIS A 107 19.01 -5.33 -6.95
C HIS A 107 18.82 -5.31 -7.01
N VAL A 108 18.70 -4.57 -5.91
CA VAL A 108 18.71 -3.10 -5.99
C VAL A 108 20.09 -2.66 -6.47
N LYS A 109 20.13 -1.80 -7.48
CA LYS A 109 21.38 -1.40 -8.11
C LYS A 109 22.19 -0.45 -7.22
N ASP A 110 23.52 -0.50 -7.34
CA ASP A 110 24.38 0.37 -6.55
C ASP A 110 23.99 1.85 -6.69
N LYS A 111 23.62 2.26 -7.91
CA LYS A 111 23.19 3.63 -8.17
C LYS A 111 21.98 4.03 -7.34
N ASN A 112 21.04 3.09 -7.19
CA ASN A 112 19.82 3.28 -6.42
C ASN A 112 20.15 3.46 -4.93
N ILE A 113 21.15 2.71 -4.46
CA ILE A 113 21.57 2.79 -3.06
C ILE A 113 22.26 4.11 -2.80
N ILE A 114 23.05 4.56 -3.78
CA ILE A 114 23.70 5.87 -3.70
C ILE A 114 22.62 6.96 -3.57
N GLU A 115 21.61 6.91 -4.43
CA GLU A 115 20.48 7.85 -4.40
C GLU A 115 19.83 7.91 -3.02
N LEU A 116 19.58 6.73 -2.44
CA LEU A 116 18.93 6.65 -1.14
C LEU A 116 19.79 7.21 -0.01
N VAL A 117 21.05 6.79 0.07
CA VAL A 117 21.94 7.28 1.13
C VAL A 117 22.24 8.76 0.96
N HIS A 118 22.30 9.23 -0.29
CA HIS A 118 22.42 10.67 -0.53
C HIS A 118 21.21 11.43 0.03
N GLN A 119 20.03 10.85 -0.13
CA GLN A 119 18.82 11.44 0.41
C GLN A 119 18.88 11.54 1.93
N VAL A 120 19.38 10.49 2.57
CA VAL A 120 19.55 10.50 4.02
C VAL A 120 20.51 11.64 4.41
N SER A 121 21.60 11.82 3.66
CA SER A 121 22.55 12.90 3.94
C SER A 121 21.96 14.32 3.74
N MET A 122 20.98 14.45 2.86
CA MET A 122 20.29 15.72 2.70
C MET A 122 19.43 15.99 3.92
N GLY A 123 18.76 14.95 4.40
CA GLY A 123 17.96 15.09 5.62
C GLY A 123 18.84 15.39 6.81
N MET A 124 20.00 14.74 6.88
CA MET A 124 20.92 14.97 7.99
C MET A 124 21.61 16.32 7.93
N LYS A 125 21.90 16.80 6.72
CA LYS A 125 22.41 18.14 6.53
C LYS A 125 21.42 19.16 7.11
N TYR A 126 20.14 18.95 6.81
CA TYR A 126 19.08 19.80 7.37
C TYR A 126 19.01 19.71 8.90
N LEU A 127 19.09 18.50 9.43
CA LEU A 127 19.08 18.30 10.88
C LEU A 127 20.25 19.08 11.52
N GLU A 128 21.43 18.97 10.91
CA GLU A 128 22.64 19.67 11.40
C GLU A 128 22.48 21.19 11.38
N GLU A 129 21.90 21.70 10.30
CA GLU A 129 21.62 23.13 10.18
C GLU A 129 20.64 23.59 11.26
N SER A 130 19.63 22.76 11.53
CA SER A 130 18.63 23.02 12.57
C SER A 130 19.16 22.82 13.99
N ASN A 131 20.37 22.26 14.08
CA ASN A 131 21.05 22.01 15.35
C ASN A 131 20.37 20.98 16.24
N PHE A 132 19.95 19.88 15.61
CA PHE A 132 19.41 18.73 16.30
C PHE A 132 20.36 17.58 16.05
N VAL A 133 20.57 16.75 17.08
CA VAL A 133 21.35 15.54 16.92
C VAL A 133 20.35 14.39 16.99
N HIS A 134 20.52 13.45 16.09
CA HIS A 134 19.58 12.34 15.95
C HIS A 134 19.78 11.29 17.03
N ARG A 135 21.01 10.80 17.15
CA ARG A 135 21.47 9.87 18.20
C ARG A 135 21.04 8.41 18.05
N ASP A 136 20.39 8.11 16.94
CA ASP A 136 20.01 6.74 16.61
C ASP A 136 19.93 6.56 15.11
N LEU A 137 20.88 7.16 14.39
CA LEU A 137 20.92 7.04 12.94
C LEU A 137 21.43 5.65 12.53
N ALA A 138 20.64 4.93 11.73
CA ALA A 138 20.92 3.54 11.41
C ALA A 138 19.96 3.14 10.29
N ALA A 139 20.32 2.14 9.51
CA ALA A 139 19.50 1.69 8.39
C ALA A 139 18.06 1.32 8.79
N ARG A 140 17.90 0.78 10.00
CA ARG A 140 16.57 0.47 10.52
C ARG A 140 15.70 1.73 10.73
N ASN A 141 16.34 2.90 10.82
CA ASN A 141 15.63 4.18 11.01
C ASN A 141 15.65 5.06 9.78
N VAL A 142 15.87 4.42 8.62
CA VAL A 142 15.71 5.04 7.33
C VAL A 142 14.53 4.28 6.73
N LEU A 143 13.45 4.99 6.45
CA LEU A 143 12.24 4.34 5.95
C LEU A 143 12.02 4.71 4.50
N LEU A 144 11.63 3.71 3.70
CA LEU A 144 11.39 3.93 2.29
C LEU A 144 9.94 4.24 2.00
N VAL A 145 9.74 5.41 1.40
CA VAL A 145 8.42 5.81 0.91
C VAL A 145 8.19 5.08 -0.41
N THR A 146 9.23 5.04 -1.25
CA THR A 146 9.26 4.27 -2.50
C THR A 146 10.68 3.72 -2.59
N GLN A 147 10.97 2.85 -3.56
CA GLN A 147 12.34 2.36 -3.73
C GLN A 147 13.36 3.49 -4.08
N HIS A 148 12.86 4.69 -4.41
CA HIS A 148 13.69 5.86 -4.74
C HIS A 148 13.45 7.08 -3.84
N TYR A 149 12.91 6.86 -2.65
CA TYR A 149 12.63 7.97 -1.75
C TYR A 149 12.73 7.49 -0.31
N ALA A 150 13.76 7.95 0.38
CA ALA A 150 14.00 7.59 1.79
C ALA A 150 13.75 8.76 2.74
N LYS A 151 13.26 8.44 3.94
CA LYS A 151 13.05 9.41 5.00
C LYS A 151 13.65 8.89 6.29
N ILE A 152 14.23 9.79 7.08
CA ILE A 152 14.78 9.45 8.38
C ILE A 152 13.64 9.45 9.39
N SER A 153 13.67 8.48 10.28
CA SER A 153 12.65 8.31 11.33
C SER A 153 13.30 8.11 12.70
N ASP A 154 12.46 7.82 13.69
CA ASP A 154 12.87 7.40 15.03
C ASP A 154 13.69 8.44 15.81
N PHE A 155 13.02 9.51 16.18
CA PHE A 155 13.62 10.65 16.88
C PHE A 155 13.53 10.56 18.40
N GLY A 156 13.29 9.36 18.91
CA GLY A 156 13.14 9.15 20.36
C GLY A 156 14.35 9.55 21.20
N LEU A 157 15.55 9.49 20.62
CA LEU A 157 16.77 9.85 21.34
C LEU A 157 17.31 11.21 20.92
N SER A 158 16.61 11.88 20.01
N SER A 158 16.63 11.88 20.00
CA SER A 158 17.10 13.13 19.46
CA SER A 158 17.12 13.14 19.48
C SER A 158 17.02 14.29 20.46
C SER A 158 17.07 14.26 20.50
N LYS A 159 17.94 15.24 20.32
CA LYS A 159 18.05 16.38 21.21
C LYS A 159 18.26 17.63 20.40
N ALA A 160 17.62 18.71 20.85
CA ALA A 160 17.83 20.02 20.28
C ALA A 160 19.02 20.60 21.02
N LEU A 161 20.09 20.87 20.28
CA LEU A 161 21.29 21.45 20.85
C LEU A 161 21.02 22.86 21.34
N ARG A 162 21.68 23.22 22.43
CA ARG A 162 21.65 24.57 22.96
C ARG A 162 22.31 25.51 21.97
N ALA A 163 21.86 26.74 21.95
CA ALA A 163 22.39 27.72 21.02
C ALA A 163 23.89 28.00 21.21
N ASP A 164 24.43 27.75 22.41
CA ASP A 164 25.84 28.04 22.69
C ASP A 164 26.76 26.80 22.67
N GLU A 165 26.22 25.63 22.37
CA GLU A 165 27.04 24.41 22.34
C GLU A 165 26.81 23.63 21.07
N ASN A 166 27.78 22.82 20.68
CA ASN A 166 27.59 22.02 19.49
C ASN A 166 27.52 20.52 19.81
N PTR A 167 27.34 20.18 21.08
CA PTR A 167 27.15 18.78 21.49
C PTR A 167 26.17 18.69 22.64
O PTR A 167 25.97 19.65 23.40
CB PTR A 167 28.48 18.13 21.87
CG PTR A 167 29.07 18.72 23.12
CD1 PTR A 167 28.76 18.19 24.38
CD2 PTR A 167 29.93 19.82 23.03
CE1 PTR A 167 29.33 18.76 25.52
CE2 PTR A 167 30.48 20.38 24.17
CZ PTR A 167 30.19 19.84 25.42
OH PTR A 167 30.71 20.40 26.56
P PTR A 167 32.27 20.23 26.96
O1P PTR A 167 32.50 18.74 26.84
O2P PTR A 167 33.01 21.10 25.98
O3P PTR A 167 32.32 20.74 28.39
N TYR A 168 25.55 17.52 22.75
CA TYR A 168 24.66 17.17 23.85
C TYR A 168 25.44 16.20 24.72
N LYS A 169 25.41 16.41 26.03
CA LYS A 169 26.14 15.59 26.99
C LYS A 169 25.16 14.75 27.77
N ALA A 170 25.13 13.44 27.50
CA ALA A 170 24.23 12.52 28.19
C ALA A 170 24.62 12.38 29.66
N GLN A 171 23.63 12.36 30.53
CA GLN A 171 23.88 12.13 31.95
C GLN A 171 23.94 10.61 32.16
N THR A 172 22.86 9.94 31.78
CA THR A 172 22.72 8.50 32.00
C THR A 172 22.91 7.69 30.72
N HIS A 173 23.84 6.74 30.79
CA HIS A 173 24.08 5.77 29.72
C HIS A 173 22.98 4.70 29.83
N GLY A 174 21.98 4.79 28.96
CA GLY A 174 20.92 3.79 28.91
C GLY A 174 21.33 2.70 27.93
N LYS A 175 20.36 1.92 27.48
CA LYS A 175 20.62 0.90 26.46
C LYS A 175 20.83 1.64 25.13
N TRP A 176 22.08 1.72 24.69
CA TRP A 176 22.45 2.49 23.51
C TRP A 176 22.83 1.59 22.34
N PRO A 177 22.63 2.08 21.11
CA PRO A 177 23.04 1.38 19.89
C PRO A 177 24.55 1.59 19.66
N VAL A 178 25.34 0.95 20.51
CA VAL A 178 26.81 1.16 20.54
C VAL A 178 27.49 0.99 19.18
N LYS A 179 26.99 0.08 18.35
CA LYS A 179 27.61 -0.19 17.06
C LYS A 179 27.49 0.93 16.03
N TRP A 180 26.59 1.87 16.27
CA TRP A 180 26.44 3.05 15.43
C TRP A 180 27.04 4.31 16.06
N TYR A 181 27.59 4.21 17.26
CA TYR A 181 28.12 5.37 17.99
C TYR A 181 29.61 5.65 17.82
N ALA A 182 29.93 6.95 17.72
CA ALA A 182 31.32 7.39 17.62
C ALA A 182 32.00 7.23 18.97
N PRO A 183 33.33 7.06 18.96
CA PRO A 183 34.08 6.91 20.23
C PRO A 183 33.80 8.02 21.26
N GLU A 184 33.62 9.27 20.83
CA GLU A 184 33.38 10.34 21.80
C GLU A 184 32.06 10.17 22.55
N CYS A 185 31.08 9.52 21.89
CA CYS A 185 29.81 9.21 22.52
C CYS A 185 30.02 8.15 23.59
N ILE A 186 30.72 7.08 23.23
CA ILE A 186 30.95 5.97 24.15
C ILE A 186 31.80 6.38 25.35
N ASN A 187 32.89 7.11 25.08
CA ASN A 187 33.86 7.49 26.10
C ASN A 187 33.57 8.75 26.90
N TYR A 188 32.92 9.74 26.29
CA TYR A 188 32.67 11.01 26.96
C TYR A 188 31.20 11.39 27.02
N TYR A 189 30.32 10.53 26.49
CA TYR A 189 28.88 10.78 26.44
C TYR A 189 28.53 12.05 25.67
N LYS A 190 29.36 12.42 24.70
CA LYS A 190 29.19 13.67 23.94
C LYS A 190 28.64 13.40 22.55
N PHE A 191 27.49 13.98 22.24
CA PHE A 191 26.77 13.72 20.99
C PHE A 191 26.59 14.98 20.18
N SER A 192 27.19 14.99 18.99
CA SER A 192 27.15 16.14 18.10
C SER A 192 26.69 15.74 16.73
N SER A 193 26.59 16.69 15.82
CA SER A 193 26.26 16.31 14.46
C SER A 193 27.36 15.41 13.88
N LYS A 194 28.62 15.70 14.22
CA LYS A 194 29.70 14.85 13.76
C LYS A 194 29.58 13.41 14.30
N SER A 195 29.01 13.24 15.49
CA SER A 195 28.71 11.90 16.02
C SER A 195 27.71 11.20 15.09
N ASP A 196 26.67 11.92 14.67
CA ASP A 196 25.71 11.39 13.71
C ASP A 196 26.40 11.04 12.36
N VAL A 197 27.46 11.78 11.99
CA VAL A 197 28.21 11.51 10.78
C VAL A 197 28.85 10.12 10.88
N TRP A 198 29.41 9.80 12.04
CA TRP A 198 29.94 8.46 12.28
C TRP A 198 28.84 7.40 12.06
N SER A 199 27.64 7.65 12.60
CA SER A 199 26.52 6.72 12.46
C SER A 199 26.15 6.57 11.00
N PHE A 200 26.16 7.69 10.28
CA PHE A 200 25.90 7.69 8.85
C PHE A 200 26.85 6.76 8.10
N GLY A 201 28.12 6.70 8.51
CA GLY A 201 29.08 5.77 7.90
C GLY A 201 28.68 4.32 8.09
N VAL A 202 28.22 4.00 9.30
CA VAL A 202 27.76 2.64 9.60
C VAL A 202 26.53 2.32 8.75
N LEU A 203 25.64 3.31 8.66
CA LEU A 203 24.43 3.23 7.84
C LEU A 203 24.79 2.95 6.39
N MET A 204 25.78 3.67 5.86
CA MET A 204 26.20 3.43 4.49
C MET A 204 26.70 2.00 4.34
N TRP A 205 27.46 1.54 5.33
CA TRP A 205 28.01 0.17 5.30
C TRP A 205 26.85 -0.82 5.22
N GLU A 206 25.85 -0.65 6.07
CA GLU A 206 24.63 -1.50 6.07
C GLU A 206 23.96 -1.50 4.71
N ALA A 207 23.82 -0.30 4.14
CA ALA A 207 23.16 -0.11 2.86
C ALA A 207 23.85 -0.88 1.75
N PHE A 208 25.15 -0.65 1.59
CA PHE A 208 25.89 -1.36 0.56
C PHE A 208 26.12 -2.84 0.87
N SER A 209 25.81 -3.27 2.09
CA SER A 209 25.85 -4.69 2.47
C SER A 209 24.45 -5.34 2.45
N TYR A 210 23.49 -4.67 1.82
CA TYR A 210 22.10 -5.15 1.71
C TYR A 210 21.44 -5.50 3.03
N GLY A 211 21.68 -4.64 4.01
CA GLY A 211 21.05 -4.74 5.29
C GLY A 211 21.63 -5.74 6.25
N GLN A 212 22.86 -6.20 6.03
CA GLN A 212 23.53 -7.05 7.01
C GLN A 212 23.82 -6.19 8.26
N LYS A 213 23.83 -6.82 9.43
CA LYS A 213 24.15 -6.14 10.68
C LYS A 213 25.63 -5.74 10.67
N PRO A 214 25.97 -4.56 11.22
CA PRO A 214 27.38 -4.18 11.36
C PRO A 214 28.08 -4.96 12.48
N TYR A 215 29.38 -5.13 12.37
CA TYR A 215 30.16 -5.83 13.41
C TYR A 215 29.50 -7.12 13.88
N ARG A 216 29.07 -7.94 12.92
CA ARG A 216 28.37 -9.19 13.21
C ARG A 216 29.07 -10.04 14.26
N GLY A 217 28.28 -10.48 15.24
CA GLY A 217 28.75 -11.38 16.29
C GLY A 217 29.62 -10.76 17.36
N MET A 218 29.84 -9.47 17.29
CA MET A 218 30.72 -8.80 18.24
C MET A 218 29.91 -8.09 19.30
N LYS A 219 30.42 -8.05 20.51
CA LYS A 219 29.79 -7.24 21.55
C LYS A 219 30.20 -5.80 21.32
N GLY A 220 29.36 -4.86 21.74
CA GLY A 220 29.69 -3.46 21.60
C GLY A 220 31.02 -3.12 22.23
N SER A 221 31.35 -3.78 23.33
CA SER A 221 32.64 -3.57 23.99
C SER A 221 33.80 -4.01 23.08
N GLU A 222 33.62 -5.11 22.35
CA GLU A 222 34.64 -5.60 21.39
C GLU A 222 34.70 -4.69 20.15
N VAL A 223 33.60 -4.01 19.83
CA VAL A 223 33.61 -3.06 18.74
C VAL A 223 34.45 -1.86 19.16
N THR A 224 34.22 -1.38 20.38
CA THR A 224 34.97 -0.24 20.93
C THR A 224 36.48 -0.50 20.88
N ALA A 225 36.90 -1.69 21.32
CA ALA A 225 38.30 -2.08 21.31
C ALA A 225 38.88 -2.17 19.90
N MET A 226 38.11 -2.72 18.96
CA MET A 226 38.52 -2.80 17.57
C MET A 226 38.81 -1.39 16.99
N LEU A 227 37.90 -0.46 17.26
CA LEU A 227 38.00 0.90 16.77
C LEU A 227 39.17 1.67 17.43
N GLU A 228 39.46 1.38 18.69
CA GLU A 228 40.62 1.96 19.37
C GLU A 228 41.94 1.46 18.75
N LYS A 229 41.92 0.27 18.15
CA LYS A 229 43.09 -0.28 17.46
C LYS A 229 43.28 0.30 16.05
N GLY A 230 42.39 1.19 15.63
CA GLY A 230 42.42 1.77 14.29
C GLY A 230 41.80 0.86 13.25
N GLU A 231 41.08 -0.17 13.69
CA GLU A 231 40.48 -1.12 12.76
C GLU A 231 39.04 -0.68 12.43
N ARG A 232 38.59 -1.01 11.21
CA ARG A 232 37.27 -0.66 10.72
C ARG A 232 36.69 -1.83 9.92
N MET A 233 35.39 -1.77 9.69
CA MET A 233 34.73 -2.82 8.90
C MET A 233 35.26 -2.71 7.48
N GLY A 234 35.30 -3.85 6.82
CA GLY A 234 35.76 -3.92 5.44
C GLY A 234 34.76 -3.43 4.42
N CYS A 235 35.23 -3.35 3.18
CA CYS A 235 34.43 -2.89 2.06
C CYS A 235 33.41 -3.94 1.68
N PRO A 236 32.11 -3.56 1.61
CA PRO A 236 31.11 -4.57 1.25
C PRO A 236 31.26 -5.06 -0.18
N ALA A 237 30.81 -6.28 -0.45
CA ALA A 237 30.88 -6.84 -1.80
C ALA A 237 30.17 -5.94 -2.78
N GLY A 238 30.88 -5.53 -3.82
CA GLY A 238 30.32 -4.72 -4.90
C GLY A 238 30.15 -3.25 -4.59
N CYS A 239 30.54 -2.83 -3.39
CA CYS A 239 30.39 -1.44 -2.99
C CYS A 239 31.36 -0.57 -3.79
N PRO A 240 30.86 0.51 -4.41
CA PRO A 240 31.75 1.41 -5.13
C PRO A 240 32.87 1.94 -4.23
N ARG A 241 34.10 1.89 -4.72
CA ARG A 241 35.28 2.35 -3.97
C ARG A 241 35.10 3.69 -3.28
N GLU A 242 34.58 4.66 -4.02
CA GLU A 242 34.36 6.00 -3.51
C GLU A 242 33.40 6.00 -2.32
N MET A 243 32.45 5.07 -2.31
CA MET A 243 31.51 4.99 -1.20
C MET A 243 32.19 4.35 0.00
N TYR A 244 32.99 3.31 -0.22
CA TYR A 244 33.76 2.75 0.88
C TYR A 244 34.71 3.83 1.45
N ASP A 245 35.40 4.58 0.59
CA ASP A 245 36.24 5.68 1.04
C ASP A 245 35.47 6.72 1.87
N LEU A 246 34.23 7.01 1.47
CA LEU A 246 33.42 7.95 2.23
C LEU A 246 33.10 7.43 3.64
N MET A 247 32.87 6.11 3.75
CA MET A 247 32.60 5.47 5.04
C MET A 247 33.79 5.68 5.98
N ASN A 248 34.98 5.41 5.47
CA ASN A 248 36.18 5.57 6.27
C ASN A 248 36.41 7.01 6.72
N LEU A 249 36.02 7.96 5.90
CA LEU A 249 36.08 9.37 6.29
C LEU A 249 35.08 9.65 7.42
N CYS A 250 33.89 9.06 7.31
CA CYS A 250 32.88 9.19 8.35
C CYS A 250 33.37 8.58 9.64
N TRP A 251 34.20 7.54 9.56
CA TRP A 251 34.73 6.89 10.75
C TRP A 251 36.10 7.47 11.18
N THR A 252 36.24 8.78 11.07
CA THR A 252 37.44 9.46 11.57
C THR A 252 37.36 9.50 13.08
N TYR A 253 38.38 8.99 13.77
CA TYR A 253 38.30 8.88 15.24
C TYR A 253 38.14 10.25 15.88
N ASP A 254 38.97 11.18 15.44
CA ASP A 254 39.00 12.52 15.98
C ASP A 254 37.82 13.35 15.46
N VAL A 255 36.93 13.72 16.38
CA VAL A 255 35.73 14.46 16.01
C VAL A 255 36.04 15.74 15.22
N GLU A 256 37.11 16.44 15.58
CA GLU A 256 37.44 17.69 14.89
C GLU A 256 37.86 17.48 13.41
N ASN A 257 38.54 16.38 13.13
CA ASN A 257 38.92 16.05 11.74
C ASN A 257 37.84 15.31 10.93
N ARG A 258 36.80 14.83 11.59
CA ARG A 258 35.72 14.14 10.89
C ARG A 258 34.85 15.21 10.24
N PRO A 259 34.39 14.99 8.99
CA PRO A 259 33.56 15.98 8.32
C PRO A 259 32.14 16.12 8.91
N GLY A 260 31.53 17.28 8.70
CA GLY A 260 30.14 17.53 9.06
C GLY A 260 29.24 17.08 7.90
N PHE A 261 27.93 17.17 8.08
CA PHE A 261 27.03 16.72 7.03
C PHE A 261 27.05 17.57 5.76
N ALA A 262 27.38 18.85 5.91
CA ALA A 262 27.50 19.74 4.75
C ALA A 262 28.52 19.15 3.78
N ALA A 263 29.70 18.79 4.30
CA ALA A 263 30.75 18.19 3.47
C ALA A 263 30.37 16.82 2.93
N VAL A 264 29.76 16.00 3.78
CA VAL A 264 29.39 14.64 3.41
C VAL A 264 28.31 14.64 2.32
N GLU A 265 27.27 15.45 2.51
CA GLU A 265 26.21 15.54 1.50
C GLU A 265 26.77 16.01 0.16
N LEU A 266 27.69 16.97 0.20
CA LEU A 266 28.26 17.53 -1.03
C LEU A 266 29.03 16.47 -1.78
N ARG A 267 29.80 15.70 -1.04
CA ARG A 267 30.57 14.59 -1.59
C ARG A 267 29.64 13.54 -2.23
N LEU A 268 28.56 13.19 -1.54
CA LEU A 268 27.58 12.23 -2.08
C LEU A 268 26.83 12.79 -3.27
N ARG A 269 26.49 14.08 -3.19
CA ARG A 269 25.80 14.74 -4.29
C ARG A 269 26.66 14.70 -5.55
N ASN A 270 27.92 15.10 -5.41
CA ASN A 270 28.85 15.13 -6.54
C ASN A 270 29.06 13.75 -7.12
N TYR A 271 29.21 12.75 -6.26
CA TYR A 271 29.40 11.38 -6.72
C TYR A 271 28.15 10.87 -7.42
N TYR A 272 26.98 11.07 -6.82
CA TYR A 272 25.70 10.65 -7.41
C TYR A 272 25.46 11.28 -8.80
N TYR A 273 25.61 12.59 -8.86
CA TYR A 273 25.45 13.35 -10.12
C TYR A 273 26.48 12.96 -11.19
N ASP A 274 27.60 12.42 -10.74
CA ASP A 274 28.68 11.98 -11.64
C ASP A 274 28.43 10.59 -12.23
N VAL A 275 27.63 9.76 -11.56
CA VAL A 275 27.30 8.43 -12.05
C VAL A 275 26.62 8.53 -13.42
N VAL A 276 25.52 9.29 -13.45
CA VAL A 276 24.69 9.43 -14.65
C VAL A 276 24.81 10.84 -15.24
N TYR B 6 -24.73 -25.04 -28.89
CA TYR B 6 -25.35 -23.72 -29.11
C TYR B 6 -26.86 -23.74 -28.99
N LEU B 7 -27.43 -22.57 -28.75
CA LEU B 7 -28.87 -22.37 -28.63
C LEU B 7 -29.47 -22.08 -29.99
N ASP B 8 -30.80 -22.24 -30.10
CA ASP B 8 -31.55 -21.99 -31.34
C ASP B 8 -32.16 -20.58 -31.34
N ARG B 9 -31.76 -19.76 -32.30
CA ARG B 9 -32.27 -18.39 -32.43
C ARG B 9 -33.79 -18.29 -32.54
N LYS B 10 -34.44 -19.30 -33.13
CA LYS B 10 -35.90 -19.31 -33.26
C LYS B 10 -36.59 -19.37 -31.90
N LEU B 11 -35.94 -20.03 -30.94
CA LEU B 11 -36.43 -20.12 -29.57
C LEU B 11 -36.13 -18.89 -28.71
N LEU B 12 -35.56 -17.85 -29.31
CA LEU B 12 -35.15 -16.65 -28.59
C LEU B 12 -35.85 -15.43 -29.16
N THR B 13 -36.46 -14.64 -28.28
CA THR B 13 -37.05 -13.36 -28.65
C THR B 13 -36.38 -12.28 -27.84
N LEU B 14 -36.03 -11.16 -28.50
CA LEU B 14 -35.38 -10.03 -27.83
C LEU B 14 -36.32 -8.84 -27.70
N GLU B 15 -36.37 -8.24 -26.51
CA GLU B 15 -37.17 -7.03 -26.29
C GLU B 15 -36.44 -5.82 -26.85
N ASP B 16 -37.18 -4.72 -26.91
CA ASP B 16 -36.66 -3.41 -27.28
C ASP B 16 -35.78 -2.87 -26.14
N LYS B 17 -36.15 -3.27 -24.92
CA LYS B 17 -35.48 -2.87 -23.68
C LYS B 17 -33.97 -3.16 -23.68
N GLU B 18 -33.18 -2.11 -23.81
CA GLU B 18 -31.73 -2.19 -23.74
C GLU B 18 -31.34 -2.11 -22.27
N LEU B 19 -30.57 -3.09 -21.79
CA LEU B 19 -30.12 -3.12 -20.40
C LEU B 19 -28.77 -2.43 -20.18
N GLY B 20 -27.97 -2.35 -21.23
CA GLY B 20 -26.62 -1.82 -21.12
C GLY B 20 -25.96 -1.85 -22.48
N SER B 21 -24.78 -1.25 -22.59
CA SER B 21 -24.06 -1.19 -23.85
C SER B 21 -22.56 -1.06 -23.59
N GLY B 22 -21.79 -1.09 -24.68
CA GLY B 22 -20.33 -0.99 -24.62
C GLY B 22 -19.75 -1.17 -26.01
N ASN B 23 -18.42 -1.18 -26.08
CA ASN B 23 -17.68 -1.38 -27.33
C ASN B 23 -18.23 -2.52 -28.18
N PHE B 24 -18.47 -3.64 -27.52
CA PHE B 24 -19.03 -4.85 -28.14
C PHE B 24 -20.37 -4.61 -28.85
N GLY B 25 -21.23 -3.80 -28.24
CA GLY B 25 -22.59 -3.57 -28.74
C GLY B 25 -23.57 -3.32 -27.61
N THR B 26 -24.51 -4.24 -27.43
CA THR B 26 -25.61 -4.03 -26.49
C THR B 26 -26.00 -5.28 -25.68
N VAL B 27 -26.61 -5.05 -24.52
CA VAL B 27 -27.18 -6.12 -23.72
C VAL B 27 -28.68 -5.84 -23.71
N LYS B 28 -29.47 -6.86 -24.10
CA LYS B 28 -30.91 -6.73 -24.21
C LYS B 28 -31.66 -7.81 -23.46
N LYS B 29 -32.87 -7.47 -23.03
CA LYS B 29 -33.74 -8.42 -22.36
C LYS B 29 -34.35 -9.31 -23.44
N GLY B 30 -34.55 -10.57 -23.10
CA GLY B 30 -35.14 -11.52 -24.03
C GLY B 30 -35.77 -12.66 -23.28
N TYR B 31 -36.33 -13.59 -24.06
CA TYR B 31 -36.99 -14.73 -23.49
C TYR B 31 -36.56 -15.92 -24.31
N TYR B 32 -36.06 -16.95 -23.64
CA TYR B 32 -35.60 -18.13 -24.32
C TYR B 32 -36.51 -19.30 -23.97
N GLN B 33 -37.12 -19.87 -25.00
CA GLN B 33 -38.05 -20.99 -24.82
C GLN B 33 -37.26 -22.26 -24.49
N MET B 34 -37.15 -22.59 -23.20
CA MET B 34 -36.44 -23.80 -22.75
C MET B 34 -37.33 -24.99 -23.11
N LYS B 35 -37.01 -26.18 -22.60
CA LYS B 35 -37.77 -27.39 -22.96
C LYS B 35 -39.27 -27.27 -22.70
N LYS B 36 -39.62 -26.84 -21.49
CA LYS B 36 -41.02 -26.73 -21.09
C LYS B 36 -41.39 -25.27 -20.81
N VAL B 37 -40.77 -24.66 -19.80
CA VAL B 37 -41.05 -23.27 -19.44
C VAL B 37 -40.13 -22.32 -20.21
N VAL B 38 -40.55 -21.06 -20.30
CA VAL B 38 -39.74 -20.03 -20.92
C VAL B 38 -38.98 -19.31 -19.82
N LYS B 39 -37.76 -18.91 -20.15
CA LYS B 39 -36.82 -18.32 -19.21
C LYS B 39 -36.51 -16.89 -19.62
N THR B 40 -36.54 -15.99 -18.65
CA THR B 40 -36.20 -14.60 -18.90
C THR B 40 -34.67 -14.45 -18.89
N VAL B 41 -34.15 -13.84 -19.95
CA VAL B 41 -32.70 -13.76 -20.15
C VAL B 41 -32.23 -12.36 -20.53
N ALA B 42 -30.93 -12.13 -20.26
CA ALA B 42 -30.23 -10.93 -20.67
C ALA B 42 -29.27 -11.42 -21.73
N VAL B 43 -29.25 -10.76 -22.86
CA VAL B 43 -28.49 -11.24 -24.00
C VAL B 43 -27.48 -10.20 -24.43
N LYS B 44 -26.21 -10.58 -24.38
CA LYS B 44 -25.12 -9.72 -24.84
C LYS B 44 -25.00 -9.96 -26.32
N ILE B 45 -25.18 -8.90 -27.10
CA ILE B 45 -25.26 -8.98 -28.54
C ILE B 45 -24.15 -8.14 -29.14
N LEU B 46 -23.38 -8.71 -30.05
CA LEU B 46 -22.31 -8.00 -30.71
C LEU B 46 -22.88 -7.16 -31.85
N LYS B 47 -22.40 -5.93 -31.95
CA LYS B 47 -22.78 -5.05 -33.06
C LYS B 47 -21.52 -4.76 -33.85
N ASN B 48 -21.66 -4.79 -35.18
CA ASN B 48 -20.56 -4.54 -36.09
C ASN B 48 -19.39 -5.50 -35.87
N GLU B 49 -19.64 -6.80 -36.06
CA GLU B 49 -18.63 -7.84 -35.92
C GLU B 49 -17.53 -7.72 -36.97
N ALA B 50 -17.95 -7.54 -38.23
CA ALA B 50 -17.02 -7.36 -39.34
C ALA B 50 -16.07 -6.19 -39.08
N ASN B 51 -16.52 -5.24 -38.27
CA ASN B 51 -15.73 -4.07 -37.89
C ASN B 51 -14.60 -4.43 -36.91
N ASP B 52 -14.90 -5.31 -35.94
CA ASP B 52 -13.92 -5.75 -34.94
C ASP B 52 -14.00 -7.27 -34.74
N PRO B 53 -13.28 -8.05 -35.58
CA PRO B 53 -13.29 -9.53 -35.50
C PRO B 53 -12.79 -10.13 -34.17
N ALA B 54 -12.08 -9.32 -33.38
CA ALA B 54 -11.64 -9.73 -32.05
C ALA B 54 -12.81 -9.90 -31.09
N LEU B 55 -13.86 -9.11 -31.27
CA LEU B 55 -15.05 -9.16 -30.41
C LEU B 55 -15.67 -10.56 -30.33
N LYS B 56 -15.78 -11.23 -31.48
CA LYS B 56 -16.31 -12.59 -31.53
C LYS B 56 -15.52 -13.50 -30.59
N ASP B 57 -14.19 -13.48 -30.74
CA ASP B 57 -13.31 -14.29 -29.91
C ASP B 57 -13.42 -13.91 -28.44
N GLU B 58 -13.51 -12.61 -28.17
CA GLU B 58 -13.66 -12.12 -26.80
C GLU B 58 -14.98 -12.62 -26.20
N LEU B 59 -16.05 -12.54 -26.98
CA LEU B 59 -17.34 -13.00 -26.53
C LEU B 59 -17.30 -14.49 -26.23
N LEU B 60 -16.68 -15.26 -27.12
CA LEU B 60 -16.60 -16.70 -26.93
C LEU B 60 -15.69 -17.05 -25.75
N ALA B 61 -14.66 -16.24 -25.54
CA ALA B 61 -13.78 -16.40 -24.37
C ALA B 61 -14.60 -16.12 -23.10
N GLU B 62 -15.38 -15.04 -23.13
CA GLU B 62 -16.28 -14.70 -22.02
C GLU B 62 -17.22 -15.86 -21.72
N ALA B 63 -17.80 -16.44 -22.76
CA ALA B 63 -18.68 -17.59 -22.61
C ALA B 63 -17.94 -18.80 -22.03
N ASN B 64 -16.70 -19.01 -22.50
CA ASN B 64 -15.87 -20.13 -22.02
C ASN B 64 -15.63 -20.02 -20.53
N VAL B 65 -15.38 -18.80 -20.07
CA VAL B 65 -15.21 -18.53 -18.66
C VAL B 65 -16.50 -18.81 -17.88
N MET B 66 -17.61 -18.23 -18.32
CA MET B 66 -18.89 -18.43 -17.62
C MET B 66 -19.29 -19.91 -17.56
N GLN B 67 -18.95 -20.66 -18.61
CA GLN B 67 -19.23 -22.10 -18.67
C GLN B 67 -18.56 -22.83 -17.50
N GLN B 68 -17.33 -22.44 -17.20
CA GLN B 68 -16.54 -23.07 -16.14
C GLN B 68 -16.95 -22.64 -14.74
N LEU B 69 -17.82 -21.63 -14.63
CA LEU B 69 -18.27 -21.15 -13.33
C LEU B 69 -19.64 -21.66 -12.98
N ASP B 70 -19.74 -22.22 -11.78
CA ASP B 70 -21.00 -22.72 -11.25
C ASP B 70 -21.04 -22.33 -9.77
N ASN B 71 -21.70 -21.21 -9.48
CA ASN B 71 -21.78 -20.66 -8.13
C ASN B 71 -23.02 -19.77 -7.94
N PRO B 72 -23.68 -19.84 -6.76
CA PRO B 72 -24.89 -19.02 -6.53
C PRO B 72 -24.73 -17.50 -6.74
N TYR B 73 -23.52 -16.98 -6.52
CA TYR B 73 -23.29 -15.54 -6.60
C TYR B 73 -22.57 -15.06 -7.88
N ILE B 74 -22.63 -15.87 -8.91
CA ILE B 74 -22.12 -15.53 -10.24
C ILE B 74 -23.24 -15.80 -11.23
N VAL B 75 -23.41 -14.87 -12.18
CA VAL B 75 -24.48 -14.96 -13.18
C VAL B 75 -24.29 -16.20 -14.04
N ARG B 76 -25.37 -16.96 -14.21
CA ARG B 76 -25.36 -18.17 -15.02
C ARG B 76 -25.57 -17.89 -16.50
N MET B 77 -24.74 -18.52 -17.32
CA MET B 77 -24.89 -18.48 -18.75
C MET B 77 -25.84 -19.58 -19.18
N ILE B 78 -26.75 -19.26 -20.10
CA ILE B 78 -27.65 -20.27 -20.67
C ILE B 78 -26.92 -20.92 -21.84
N GLY B 79 -26.28 -20.10 -22.66
CA GLY B 79 -25.49 -20.65 -23.78
C GLY B 79 -25.16 -19.55 -24.76
N ILE B 80 -24.60 -19.96 -25.89
CA ILE B 80 -24.24 -19.05 -26.97
C ILE B 80 -25.21 -19.30 -28.11
N CYS B 81 -25.52 -18.25 -28.86
CA CYS B 81 -26.38 -18.34 -30.04
C CYS B 81 -25.74 -17.59 -31.20
N GLU B 82 -25.48 -18.30 -32.29
CA GLU B 82 -24.86 -17.72 -33.48
C GLU B 82 -25.94 -17.39 -34.50
N ALA B 83 -26.53 -16.22 -34.38
CA ALA B 83 -27.62 -15.77 -35.25
C ALA B 83 -27.16 -14.59 -36.10
N GLU B 84 -28.04 -13.62 -36.36
CA GLU B 84 -27.67 -12.41 -37.11
C GLU B 84 -26.32 -11.87 -36.61
N SER B 85 -26.09 -11.99 -35.31
CA SER B 85 -24.80 -11.71 -34.71
C SER B 85 -24.57 -12.75 -33.61
N TRP B 86 -23.34 -12.84 -33.10
CA TRP B 86 -23.05 -13.76 -32.00
C TRP B 86 -23.73 -13.25 -30.74
N MET B 87 -24.26 -14.16 -29.93
CA MET B 87 -25.00 -13.79 -28.73
C MET B 87 -24.69 -14.70 -27.54
N LEU B 88 -24.49 -14.06 -26.39
CA LEU B 88 -24.24 -14.76 -25.13
C LEU B 88 -25.52 -14.58 -24.30
N VAL B 89 -26.22 -15.68 -24.05
CA VAL B 89 -27.52 -15.66 -23.37
C VAL B 89 -27.34 -16.03 -21.91
N MET B 90 -27.74 -15.12 -21.02
CA MET B 90 -27.57 -15.32 -19.60
C MET B 90 -28.91 -15.27 -18.91
N GLU B 91 -28.97 -15.84 -17.71
CA GLU B 91 -30.12 -15.75 -16.86
C GLU B 91 -30.25 -14.31 -16.39
N MET B 92 -31.44 -13.73 -16.44
CA MET B 92 -31.60 -12.31 -16.10
C MET B 92 -31.69 -12.00 -14.61
N ALA B 93 -30.89 -11.03 -14.17
CA ALA B 93 -30.91 -10.51 -12.81
C ALA B 93 -31.76 -9.26 -12.92
N GLU B 94 -33.04 -9.37 -12.55
CA GLU B 94 -34.03 -8.37 -12.96
C GLU B 94 -33.93 -6.97 -12.38
N LEU B 95 -33.43 -6.84 -11.16
CA LEU B 95 -33.27 -5.52 -10.53
C LEU B 95 -32.06 -4.76 -11.10
N GLY B 96 -31.13 -5.48 -11.71
CA GLY B 96 -30.03 -4.85 -12.42
C GLY B 96 -28.87 -4.38 -11.57
N PRO B 97 -28.03 -3.50 -12.13
CA PRO B 97 -26.77 -3.10 -11.46
C PRO B 97 -26.92 -2.46 -10.09
N LEU B 98 -26.02 -2.86 -9.19
CA LEU B 98 -26.05 -2.42 -7.80
C LEU B 98 -25.95 -0.91 -7.64
N ASN B 99 -25.16 -0.27 -8.48
CA ASN B 99 -24.98 1.19 -8.39
C ASN B 99 -26.24 1.97 -8.75
N LYS B 100 -26.87 1.65 -9.89
CA LYS B 100 -28.08 2.36 -10.32
C LYS B 100 -29.24 2.06 -9.39
N TYR B 101 -29.27 0.84 -8.84
CA TYR B 101 -30.30 0.46 -7.89
C TYR B 101 -30.22 1.32 -6.63
N LEU B 102 -29.03 1.46 -6.06
CA LEU B 102 -28.87 2.26 -4.85
C LEU B 102 -29.08 3.75 -5.14
N GLN B 103 -28.67 4.21 -6.32
CA GLN B 103 -28.92 5.60 -6.77
C GLN B 103 -30.40 5.95 -6.67
N GLN B 104 -31.27 4.96 -6.82
CA GLN B 104 -32.70 5.20 -6.77
C GLN B 104 -33.40 4.49 -5.61
N ASN B 105 -32.62 3.94 -4.68
CA ASN B 105 -33.17 3.33 -3.48
C ASN B 105 -32.32 3.69 -2.26
N ARG B 106 -32.31 4.98 -1.93
CA ARG B 106 -31.53 5.51 -0.81
C ARG B 106 -31.92 4.90 0.53
N HIS B 107 -33.15 4.40 0.62
CA HIS B 107 -33.68 3.79 1.84
C HIS B 107 -33.09 2.42 2.19
N VAL B 108 -32.37 1.78 1.26
CA VAL B 108 -31.82 0.45 1.54
C VAL B 108 -30.93 0.50 2.76
N LYS B 109 -31.16 -0.41 3.71
CA LYS B 109 -30.47 -0.41 4.99
C LYS B 109 -29.02 -0.87 4.92
N ASP B 110 -28.23 -0.40 5.88
CA ASP B 110 -26.83 -0.76 6.01
C ASP B 110 -26.67 -2.27 6.08
N LYS B 111 -27.49 -2.88 6.93
CA LYS B 111 -27.51 -4.34 7.10
C LYS B 111 -27.82 -5.06 5.78
N ASN B 112 -28.67 -4.46 4.94
CA ASN B 112 -29.00 -5.01 3.62
C ASN B 112 -27.76 -4.95 2.71
N ILE B 113 -27.08 -3.81 2.73
CA ILE B 113 -25.88 -3.61 1.89
C ILE B 113 -24.76 -4.56 2.32
N ILE B 114 -24.60 -4.75 3.62
CA ILE B 114 -23.61 -5.72 4.11
C ILE B 114 -23.94 -7.12 3.58
N GLU B 115 -25.21 -7.50 3.67
CA GLU B 115 -25.68 -8.78 3.13
C GLU B 115 -25.25 -8.92 1.67
N LEU B 116 -25.47 -7.88 0.87
CA LEU B 116 -25.14 -7.89 -0.56
C LEU B 116 -23.64 -7.95 -0.87
N VAL B 117 -22.84 -7.15 -0.18
CA VAL B 117 -21.39 -7.17 -0.44
C VAL B 117 -20.76 -8.48 0.01
N HIS B 118 -21.27 -9.09 1.08
CA HIS B 118 -20.75 -10.39 1.53
C HIS B 118 -21.01 -11.46 0.48
N GLN B 119 -22.19 -11.41 -0.11
CA GLN B 119 -22.53 -12.32 -1.20
C GLN B 119 -21.51 -12.16 -2.32
N VAL B 120 -21.19 -10.93 -2.67
CA VAL B 120 -20.14 -10.69 -3.67
C VAL B 120 -18.81 -11.32 -3.24
N SER B 121 -18.44 -11.19 -1.95
CA SER B 121 -17.18 -11.76 -1.45
C SER B 121 -17.17 -13.29 -1.55
N MET B 122 -18.33 -13.91 -1.36
CA MET B 122 -18.44 -15.37 -1.52
C MET B 122 -18.18 -15.77 -2.97
N GLY B 123 -18.85 -15.09 -3.90
CA GLY B 123 -18.62 -15.36 -5.32
C GLY B 123 -17.18 -15.14 -5.71
N MET B 124 -16.61 -14.05 -5.19
CA MET B 124 -15.21 -13.73 -5.46
C MET B 124 -14.26 -14.74 -4.85
N LYS B 125 -14.59 -15.26 -3.66
CA LYS B 125 -13.77 -16.32 -3.06
C LYS B 125 -13.77 -17.57 -3.94
N TYR B 126 -14.95 -17.95 -4.41
CA TYR B 126 -15.09 -19.08 -5.33
C TYR B 126 -14.28 -18.85 -6.59
N LEU B 127 -14.33 -17.61 -7.08
CA LEU B 127 -13.61 -17.21 -8.27
C LEU B 127 -12.11 -17.29 -7.99
N GLU B 128 -11.71 -16.85 -6.81
CA GLU B 128 -10.33 -16.93 -6.36
C GLU B 128 -9.89 -18.39 -6.26
N GLU B 129 -10.69 -19.18 -5.55
CA GLU B 129 -10.47 -20.63 -5.42
C GLU B 129 -10.40 -21.33 -6.79
N SER B 130 -11.18 -20.85 -7.75
CA SER B 130 -11.17 -21.39 -9.11
C SER B 130 -10.03 -20.81 -9.97
N ASN B 131 -9.26 -19.88 -9.41
CA ASN B 131 -8.10 -19.27 -10.09
C ASN B 131 -8.45 -18.50 -11.34
N PHE B 132 -9.55 -17.76 -11.28
CA PHE B 132 -9.93 -16.81 -12.30
C PHE B 132 -9.78 -15.42 -11.71
N VAL B 133 -9.34 -14.47 -12.53
CA VAL B 133 -9.32 -13.07 -12.13
C VAL B 133 -10.41 -12.37 -12.92
N HIS B 134 -11.20 -11.54 -12.24
CA HIS B 134 -12.36 -10.89 -12.87
C HIS B 134 -11.90 -9.73 -13.75
N ARG B 135 -11.10 -8.84 -13.15
CA ARG B 135 -10.51 -7.67 -13.81
C ARG B 135 -11.45 -6.51 -14.11
N ASP B 136 -12.66 -6.56 -13.60
CA ASP B 136 -13.64 -5.48 -13.81
C ASP B 136 -14.65 -5.51 -12.70
N LEU B 137 -14.19 -5.74 -11.48
CA LEU B 137 -15.08 -5.81 -10.34
C LEU B 137 -15.46 -4.38 -9.93
N ALA B 138 -16.76 -4.10 -9.97
CA ALA B 138 -17.27 -2.77 -9.69
C ALA B 138 -18.76 -2.91 -9.42
N ALA B 139 -19.37 -1.92 -8.78
CA ALA B 139 -20.81 -1.98 -8.47
C ALA B 139 -21.68 -2.18 -9.71
N ARG B 140 -21.28 -1.61 -10.83
CA ARG B 140 -22.01 -1.72 -12.09
C ARG B 140 -22.05 -3.16 -12.62
N ASN B 141 -21.13 -4.00 -12.13
CA ASN B 141 -21.03 -5.41 -12.53
C ASN B 141 -21.47 -6.37 -11.42
N VAL B 142 -22.25 -5.83 -10.50
CA VAL B 142 -22.93 -6.63 -9.50
C VAL B 142 -24.39 -6.43 -9.80
N LEU B 143 -25.09 -7.51 -10.11
CA LEU B 143 -26.48 -7.45 -10.50
C LEU B 143 -27.36 -8.04 -9.41
N LEU B 144 -28.49 -7.37 -9.15
CA LEU B 144 -29.42 -7.86 -8.16
C LEU B 144 -30.49 -8.76 -8.77
N VAL B 145 -30.57 -9.99 -8.27
CA VAL B 145 -31.66 -10.92 -8.63
C VAL B 145 -32.89 -10.42 -7.86
N THR B 146 -32.68 -10.18 -6.56
CA THR B 146 -33.69 -9.60 -5.67
C THR B 146 -32.95 -8.56 -4.82
N GLN B 147 -33.68 -7.82 -4.00
CA GLN B 147 -33.04 -6.82 -3.15
C GLN B 147 -32.11 -7.47 -2.09
N HIS B 148 -32.20 -8.79 -1.92
CA HIS B 148 -31.36 -9.52 -0.98
C HIS B 148 -30.52 -10.63 -1.65
N TYR B 149 -30.24 -10.47 -2.95
CA TYR B 149 -29.50 -11.49 -3.69
C TYR B 149 -28.74 -10.85 -4.84
N ALA B 150 -27.43 -10.69 -4.66
CA ALA B 150 -26.56 -10.12 -5.67
C ALA B 150 -25.75 -11.21 -6.36
N LYS B 151 -25.46 -10.99 -7.65
CA LYS B 151 -24.60 -11.87 -8.42
C LYS B 151 -23.58 -11.03 -9.18
N ILE B 152 -22.39 -11.61 -9.34
CA ILE B 152 -21.30 -10.97 -10.09
C ILE B 152 -21.53 -11.23 -11.56
N SER B 153 -21.31 -10.22 -12.39
CA SER B 153 -21.50 -10.36 -13.83
C SER B 153 -20.31 -9.79 -14.57
N ASP B 154 -20.41 -9.75 -15.91
CA ASP B 154 -19.47 -9.05 -16.79
C ASP B 154 -18.04 -9.60 -16.74
N PHE B 155 -17.89 -10.78 -17.31
CA PHE B 155 -16.62 -11.50 -17.31
C PHE B 155 -15.80 -11.29 -18.57
N GLY B 156 -16.08 -10.21 -19.29
CA GLY B 156 -15.40 -9.92 -20.55
C GLY B 156 -13.90 -9.71 -20.46
N LEU B 157 -13.44 -9.14 -19.34
CA LEU B 157 -12.02 -8.93 -19.11
C LEU B 157 -11.41 -10.05 -18.26
N SER B 158 -12.20 -11.05 -17.89
CA SER B 158 -11.72 -12.08 -16.96
C SER B 158 -10.74 -13.07 -17.61
N LYS B 159 -9.89 -13.66 -16.77
CA LYS B 159 -8.85 -14.59 -17.24
C LYS B 159 -8.75 -15.78 -16.32
N ALA B 160 -8.53 -16.95 -16.93
CA ALA B 160 -8.25 -18.16 -16.18
C ALA B 160 -6.73 -18.13 -16.06
N LEU B 161 -6.24 -18.11 -14.82
CA LEU B 161 -4.79 -18.03 -14.59
C LEU B 161 -4.17 -19.37 -14.90
N ARG B 162 -2.94 -19.35 -15.37
CA ARG B 162 -2.20 -20.57 -15.66
C ARG B 162 -1.98 -21.33 -14.36
N ALA B 163 -1.87 -22.64 -14.45
CA ALA B 163 -1.66 -23.49 -13.27
C ALA B 163 -0.42 -23.13 -12.43
N ASP B 164 0.57 -22.49 -13.04
CA ASP B 164 1.86 -22.20 -12.35
C ASP B 164 2.06 -20.77 -11.86
N GLU B 165 1.09 -19.89 -12.08
CA GLU B 165 1.24 -18.49 -11.69
C GLU B 165 0.00 -17.98 -10.99
N ASN B 166 0.17 -17.01 -10.09
CA ASN B 166 -0.99 -16.44 -9.41
C ASN B 166 -1.41 -15.07 -9.97
N PTR B 167 -0.96 -14.73 -11.16
CA PTR B 167 -1.39 -13.46 -11.78
C PTR B 167 -1.39 -13.53 -13.28
O PTR B 167 -0.71 -14.36 -13.87
CB PTR B 167 -0.51 -12.31 -11.28
CG PTR B 167 0.89 -12.39 -11.83
CD1 PTR B 167 1.20 -11.74 -13.01
CD2 PTR B 167 1.88 -13.09 -11.12
CE1 PTR B 167 2.51 -11.80 -13.51
CE2 PTR B 167 3.17 -13.16 -11.63
CZ PTR B 167 3.48 -12.52 -12.83
OH PTR B 167 4.76 -12.59 -13.34
P PTR B 167 5.90 -11.56 -12.83
O1P PTR B 167 5.22 -10.71 -11.78
O2P PTR B 167 6.97 -12.46 -12.27
O3P PTR B 167 6.30 -10.80 -14.08
N TYR B 168 -2.19 -12.65 -13.90
CA TYR B 168 -2.26 -12.49 -15.34
C TYR B 168 -1.50 -11.23 -15.71
N LYS B 169 -0.70 -11.30 -16.77
CA LYS B 169 0.12 -10.19 -17.21
C LYS B 169 -0.36 -9.66 -18.56
N ALA B 170 -0.75 -8.39 -18.61
CA ALA B 170 -1.20 -7.76 -19.85
C ALA B 170 -0.04 -7.10 -20.58
N TRP B 176 -9.45 0.55 -19.72
CA TRP B 176 -9.26 0.16 -18.32
C TRP B 176 -9.99 1.05 -17.31
N PRO B 177 -10.76 0.44 -16.39
CA PRO B 177 -11.45 1.19 -15.33
C PRO B 177 -10.48 1.50 -14.18
N VAL B 178 -9.58 2.44 -14.45
CA VAL B 178 -8.45 2.78 -13.56
C VAL B 178 -8.84 3.01 -12.10
N LYS B 179 -9.99 3.62 -11.88
CA LYS B 179 -10.46 3.92 -10.53
C LYS B 179 -10.74 2.66 -9.69
N TRP B 180 -10.90 1.50 -10.35
CA TRP B 180 -11.12 0.23 -9.64
C TRP B 180 -9.85 -0.65 -9.57
N TYR B 181 -8.78 -0.22 -10.24
CA TYR B 181 -7.54 -1.00 -10.34
C TYR B 181 -6.49 -0.74 -9.24
N ALA B 182 -5.89 -1.84 -8.76
CA ALA B 182 -4.85 -1.78 -7.74
C ALA B 182 -3.59 -1.17 -8.35
N PRO B 183 -2.71 -0.61 -7.51
CA PRO B 183 -1.49 0.03 -8.02
C PRO B 183 -0.64 -0.89 -8.89
N GLU B 184 -0.53 -2.16 -8.49
CA GLU B 184 0.29 -3.07 -9.26
C GLU B 184 -0.29 -3.32 -10.67
N CYS B 185 -1.61 -3.20 -10.84
CA CYS B 185 -2.24 -3.31 -12.16
C CYS B 185 -1.87 -2.14 -13.06
N ILE B 186 -1.87 -0.94 -12.49
CA ILE B 186 -1.53 0.26 -13.25
C ILE B 186 -0.04 0.26 -13.60
N ASN B 187 0.79 0.08 -12.59
CA ASN B 187 2.25 0.18 -12.74
C ASN B 187 2.95 -0.98 -13.45
N TYR B 188 2.48 -2.20 -13.22
CA TYR B 188 3.14 -3.40 -13.75
C TYR B 188 2.23 -4.29 -14.60
N TYR B 189 1.00 -3.86 -14.85
CA TYR B 189 0.03 -4.62 -15.65
C TYR B 189 -0.20 -6.03 -15.12
N LYS B 190 -0.12 -6.20 -13.80
CA LYS B 190 -0.27 -7.51 -13.18
C LYS B 190 -1.59 -7.62 -12.43
N PHE B 191 -2.40 -8.61 -12.81
CA PHE B 191 -3.73 -8.78 -12.27
C PHE B 191 -3.84 -10.13 -11.57
N SER B 192 -4.16 -10.07 -10.29
CA SER B 192 -4.27 -11.22 -9.44
C SER B 192 -5.57 -11.15 -8.69
N SER B 193 -5.85 -12.18 -7.89
CA SER B 193 -7.05 -12.15 -7.08
C SER B 193 -6.92 -11.05 -6.05
N LYS B 194 -5.69 -10.78 -5.61
CA LYS B 194 -5.45 -9.65 -4.74
C LYS B 194 -5.83 -8.31 -5.41
N SER B 195 -5.61 -8.18 -6.72
CA SER B 195 -6.03 -6.97 -7.46
C SER B 195 -7.56 -6.84 -7.44
N ASP B 196 -8.22 -7.97 -7.55
CA ASP B 196 -9.68 -8.02 -7.48
C ASP B 196 -10.15 -7.56 -6.08
N VAL B 197 -9.40 -7.93 -5.05
CA VAL B 197 -9.71 -7.50 -3.69
C VAL B 197 -9.68 -5.97 -3.61
N TRP B 198 -8.66 -5.34 -4.18
CA TRP B 198 -8.62 -3.87 -4.22
C TRP B 198 -9.90 -3.33 -4.84
N SER B 199 -10.28 -3.91 -5.99
CA SER B 199 -11.52 -3.51 -6.67
C SER B 199 -12.73 -3.67 -5.76
N PHE B 200 -12.75 -4.73 -4.97
CA PHE B 200 -13.85 -5.03 -4.07
C PHE B 200 -13.98 -3.93 -3.00
N GLY B 201 -12.87 -3.35 -2.58
CA GLY B 201 -12.91 -2.23 -1.63
C GLY B 201 -13.57 -1.03 -2.25
N VAL B 202 -13.21 -0.75 -3.50
CA VAL B 202 -13.84 0.36 -4.25
C VAL B 202 -15.33 0.05 -4.44
N LEU B 203 -15.63 -1.22 -4.74
CA LEU B 203 -17.03 -1.67 -4.82
C LEU B 203 -17.79 -1.41 -3.51
N MET B 204 -17.16 -1.78 -2.40
CA MET B 204 -17.78 -1.56 -1.10
C MET B 204 -18.04 -0.08 -0.90
N TRP B 205 -17.08 0.76 -1.28
CA TRP B 205 -17.22 2.21 -1.13
C TRP B 205 -18.42 2.70 -1.93
N GLU B 206 -18.54 2.19 -3.16
CA GLU B 206 -19.66 2.54 -4.02
C GLU B 206 -20.98 2.18 -3.35
N ALA B 207 -21.06 0.93 -2.87
CA ALA B 207 -22.26 0.41 -2.25
C ALA B 207 -22.73 1.24 -1.04
N PHE B 208 -21.82 1.57 -0.14
CA PHE B 208 -22.18 2.38 1.03
C PHE B 208 -22.34 3.86 0.72
N SER B 209 -21.94 4.28 -0.48
CA SER B 209 -22.19 5.64 -0.94
C SER B 209 -23.44 5.70 -1.84
N TYR B 210 -24.23 4.62 -1.84
CA TYR B 210 -25.47 4.52 -2.63
C TYR B 210 -25.28 4.76 -4.12
N GLY B 211 -24.21 4.17 -4.65
CA GLY B 211 -23.95 4.19 -6.08
C GLY B 211 -23.29 5.42 -6.66
N GLN B 212 -22.67 6.27 -5.84
CA GLN B 212 -21.95 7.41 -6.42
C GLN B 212 -20.57 6.97 -6.94
N LYS B 213 -20.03 7.75 -7.86
CA LYS B 213 -18.76 7.47 -8.49
C LYS B 213 -17.60 7.65 -7.48
N PRO B 214 -16.63 6.72 -7.50
CA PRO B 214 -15.44 6.85 -6.67
C PRO B 214 -14.50 7.88 -7.27
N TYR B 215 -13.72 8.55 -6.42
CA TYR B 215 -12.76 9.54 -6.89
C TYR B 215 -13.44 10.52 -7.84
N ARG B 216 -14.53 11.12 -7.38
CA ARG B 216 -15.34 11.96 -8.27
C ARG B 216 -14.50 13.09 -8.86
N GLY B 217 -14.66 13.34 -10.15
CA GLY B 217 -14.02 14.48 -10.82
C GLY B 217 -12.51 14.42 -10.97
N MET B 218 -11.92 13.27 -10.71
CA MET B 218 -10.48 13.10 -10.76
C MET B 218 -10.07 12.29 -11.99
N LYS B 219 -8.94 12.66 -12.59
CA LYS B 219 -8.35 11.91 -13.70
C LYS B 219 -7.64 10.68 -13.16
N GLY B 220 -7.41 9.69 -14.02
CA GLY B 220 -6.67 8.47 -13.64
C GLY B 220 -5.31 8.78 -13.04
N SER B 221 -4.61 9.76 -13.60
CA SER B 221 -3.29 10.18 -13.12
C SER B 221 -3.37 10.82 -11.73
N GLU B 222 -4.48 11.48 -11.44
CA GLU B 222 -4.69 12.11 -10.13
C GLU B 222 -5.11 11.11 -9.06
N VAL B 223 -5.75 10.02 -9.46
CA VAL B 223 -6.12 8.95 -8.53
C VAL B 223 -4.84 8.19 -8.15
N THR B 224 -4.03 7.89 -9.17
CA THR B 224 -2.75 7.19 -8.97
C THR B 224 -1.85 7.97 -8.03
N ALA B 225 -1.72 9.27 -8.28
CA ALA B 225 -0.91 10.13 -7.44
C ALA B 225 -1.44 10.22 -6.01
N MET B 226 -2.77 10.23 -5.85
CA MET B 226 -3.37 10.28 -4.52
C MET B 226 -3.04 9.02 -3.72
N LEU B 227 -3.21 7.87 -4.35
CA LEU B 227 -2.94 6.57 -3.69
C LEU B 227 -1.45 6.42 -3.34
N GLU B 228 -0.59 6.90 -4.22
CA GLU B 228 0.85 6.87 -3.97
C GLU B 228 1.25 7.77 -2.79
N LYS B 229 0.41 8.74 -2.43
CA LYS B 229 0.65 9.55 -1.23
C LYS B 229 0.13 8.86 0.03
N GLY B 230 -0.44 7.67 -0.12
CA GLY B 230 -1.03 6.96 1.02
C GLY B 230 -2.42 7.47 1.34
N GLU B 231 -3.02 8.25 0.45
CA GLU B 231 -4.36 8.76 0.68
C GLU B 231 -5.40 7.82 0.08
N ARG B 232 -6.55 7.74 0.74
CA ARG B 232 -7.67 6.91 0.31
C ARG B 232 -8.97 7.69 0.41
N MET B 233 -10.00 7.21 -0.28
CA MET B 233 -11.32 7.81 -0.22
C MET B 233 -11.83 7.82 1.21
N GLY B 234 -12.56 8.88 1.56
CA GLY B 234 -13.12 9.03 2.90
C GLY B 234 -14.26 8.07 3.18
N CYS B 235 -14.66 7.98 4.44
CA CYS B 235 -15.77 7.13 4.83
C CYS B 235 -17.09 7.67 4.29
N PRO B 236 -17.91 6.81 3.65
CA PRO B 236 -19.21 7.27 3.16
C PRO B 236 -20.17 7.65 4.30
N ALA B 237 -20.97 8.69 4.07
CA ALA B 237 -21.91 9.18 5.08
C ALA B 237 -22.76 8.03 5.63
N GLY B 238 -22.56 7.70 6.90
CA GLY B 238 -23.33 6.66 7.57
C GLY B 238 -22.88 5.23 7.33
N CYS B 239 -21.71 5.04 6.71
CA CYS B 239 -21.16 3.70 6.51
C CYS B 239 -20.66 3.17 7.85
N PRO B 240 -20.95 1.90 8.19
CA PRO B 240 -20.44 1.38 9.45
C PRO B 240 -18.91 1.42 9.52
N ARG B 241 -18.39 1.52 10.73
CA ARG B 241 -16.96 1.60 10.97
C ARG B 241 -16.22 0.34 10.54
N GLU B 242 -16.71 -0.83 10.94
CA GLU B 242 -16.09 -2.09 10.55
C GLU B 242 -15.97 -2.20 9.03
N MET B 243 -16.97 -1.71 8.30
CA MET B 243 -16.95 -1.80 6.84
C MET B 243 -15.98 -0.80 6.21
N TYR B 244 -15.89 0.42 6.76
CA TYR B 244 -14.91 1.38 6.26
C TYR B 244 -13.51 0.90 6.58
N ASP B 245 -13.33 0.23 7.73
CA ASP B 245 -12.05 -0.39 8.05
C ASP B 245 -11.71 -1.47 7.02
N LEU B 246 -12.70 -2.28 6.66
CA LEU B 246 -12.46 -3.35 5.68
C LEU B 246 -12.05 -2.77 4.31
N MET B 247 -12.66 -1.65 3.90
CA MET B 247 -12.30 -1.00 2.62
C MET B 247 -10.83 -0.64 2.62
N ASN B 248 -10.37 -0.02 3.71
CA ASN B 248 -8.97 0.37 3.81
C ASN B 248 -8.02 -0.82 3.77
N LEU B 249 -8.38 -1.93 4.40
CA LEU B 249 -7.57 -3.15 4.35
C LEU B 249 -7.50 -3.67 2.91
N CYS B 250 -8.63 -3.61 2.19
CA CYS B 250 -8.65 -3.97 0.77
C CYS B 250 -7.74 -3.05 -0.04
N TRP B 251 -7.60 -1.80 0.38
CA TRP B 251 -6.74 -0.85 -0.31
C TRP B 251 -5.31 -0.84 0.24
N THR B 252 -4.84 -1.96 0.77
CA THR B 252 -3.44 -2.11 1.18
C THR B 252 -2.61 -2.01 -0.10
N TYR B 253 -1.64 -1.10 -0.12
CA TYR B 253 -0.82 -0.85 -1.32
C TYR B 253 -0.02 -2.09 -1.72
N ASP B 254 0.69 -2.67 -0.76
CA ASP B 254 1.51 -3.83 -1.00
C ASP B 254 0.64 -5.04 -1.24
N VAL B 255 0.78 -5.63 -2.42
CA VAL B 255 -0.02 -6.78 -2.79
C VAL B 255 0.14 -7.94 -1.80
N GLU B 256 1.36 -8.22 -1.34
CA GLU B 256 1.58 -9.36 -0.43
C GLU B 256 0.86 -9.22 0.93
N ASN B 257 0.77 -8.01 1.46
CA ASN B 257 0.10 -7.79 2.75
C ASN B 257 -1.41 -7.56 2.64
N ARG B 258 -1.90 -7.33 1.42
CA ARG B 258 -3.34 -7.18 1.19
C ARG B 258 -3.99 -8.54 1.34
N PRO B 259 -5.16 -8.61 2.00
CA PRO B 259 -5.81 -9.90 2.21
C PRO B 259 -6.45 -10.49 0.95
N GLY B 260 -6.62 -11.80 0.94
CA GLY B 260 -7.29 -12.48 -0.17
C GLY B 260 -8.76 -12.55 0.16
N PHE B 261 -9.57 -13.01 -0.79
CA PHE B 261 -11.01 -13.10 -0.56
C PHE B 261 -11.37 -14.06 0.57
N ALA B 262 -10.58 -15.12 0.74
CA ALA B 262 -10.80 -16.04 1.85
C ALA B 262 -10.86 -15.23 3.16
N ALA B 263 -9.87 -14.35 3.35
CA ALA B 263 -9.81 -13.49 4.52
C ALA B 263 -10.93 -12.45 4.53
N VAL B 264 -11.17 -11.79 3.39
CA VAL B 264 -12.21 -10.75 3.29
C VAL B 264 -13.60 -11.35 3.50
N GLU B 265 -13.88 -12.45 2.80
CA GLU B 265 -15.14 -13.18 2.97
C GLU B 265 -15.40 -13.54 4.43
N LEU B 266 -14.35 -13.94 5.15
CA LEU B 266 -14.50 -14.36 6.55
C LEU B 266 -14.86 -13.16 7.42
N ARG B 267 -14.11 -12.07 7.26
CA ARG B 267 -14.39 -10.82 7.97
C ARG B 267 -15.82 -10.36 7.77
N LEU B 268 -16.30 -10.44 6.53
CA LEU B 268 -17.68 -10.09 6.23
C LEU B 268 -18.64 -11.11 6.84
N ARG B 269 -18.28 -12.39 6.77
CA ARG B 269 -19.11 -13.48 7.34
C ARG B 269 -19.27 -13.31 8.86
N ASN B 270 -18.15 -13.07 9.55
CA ASN B 270 -18.16 -12.87 11.01
C ASN B 270 -18.95 -11.66 11.42
N TYR B 271 -18.71 -10.53 10.74
CA TYR B 271 -19.37 -9.28 11.08
C TYR B 271 -20.87 -9.34 10.82
N TYR B 272 -21.28 -10.06 9.77
CA TYR B 272 -22.69 -10.19 9.45
C TYR B 272 -23.34 -11.23 10.36
N1 6ZF C . 7.47 -3.48 6.51
N3 6ZF C . 6.43 4.95 8.71
C4 6ZF C . 6.72 -1.19 6.51
C5 6ZF C . 6.62 0.04 7.14
C6 6ZF C . 7.11 0.16 8.44
C7 6ZF C . 7.72 -0.95 9.02
C8 6ZF C . 7.10 1.44 9.18
C10 6ZF C . 6.80 3.79 9.29
C13 6ZF C . 7.25 3.80 10.62
C15 6ZF C . 8.69 1.21 12.91
C17 6ZF C . 10.60 0.27 14.26
C20 6ZF C . 11.09 1.67 12.30
C2 6ZF C . 6.83 -3.75 5.22
C1 6ZF C . 8.37 -4.49 7.08
C3 6ZF C . 7.33 -2.27 7.15
N2 6ZF C . 7.82 -2.13 8.41
N7 6ZF C . 7.58 1.42 10.44
C14 6ZF C . 7.65 2.52 11.15
N4 6ZF C . 7.31 4.94 11.33
C12 6ZF C . 6.94 6.07 10.75
C11 6ZF C . 6.50 6.08 9.43
C9 6ZF C . 6.75 2.62 8.57
N5 6ZF C . 8.13 2.45 12.41
C16 6ZF C . 10.10 1.46 13.42
N6 6ZF C . 12.44 1.92 12.78
C19 6ZF C . 12.97 0.99 13.74
C18 6ZF C . 11.98 0.57 14.82
C1 GOL D . 3.33 -2.77 6.24
O1 GOL D . 3.29 -2.13 4.95
C2 GOL D . 1.93 -3.10 6.74
O2 GOL D . 1.98 -3.83 7.98
C3 GOL D . 1.20 -3.94 5.70
O3 GOL D . 0.71 -3.08 4.67
C1 GOL E . 43.17 7.42 19.78
O1 GOL E . 43.28 7.41 21.21
C2 GOL E . 43.22 5.99 19.25
O2 GOL E . 42.63 5.10 20.20
C3 GOL E . 42.49 5.92 17.90
O3 GOL E . 42.27 4.56 17.49
C1 GOL F . 10.37 14.51 -2.95
O1 GOL F . 11.19 15.64 -2.65
C2 GOL F . 11.10 13.59 -3.93
O2 GOL F . 12.48 13.55 -3.59
C3 GOL F . 10.53 12.17 -3.89
O3 GOL F . 10.26 11.72 -5.22
C1 GOL G . 9.40 19.44 31.04
O1 GOL G . 10.64 18.74 31.12
C2 GOL G . 9.17 19.92 29.61
O2 GOL G . 10.41 20.18 28.96
C3 GOL G . 8.32 21.20 29.64
O3 GOL G . 7.96 21.60 28.31
C1 GOL H . 19.72 -4.05 16.73
O1 GOL H . 19.03 -5.06 17.47
C2 GOL H . 20.23 -2.93 17.64
O2 GOL H . 19.22 -1.92 17.76
C3 GOL H . 20.58 -3.44 19.04
O3 GOL H . 21.35 -2.44 19.71
N1 6ZF I . -32.67 -2.16 -14.83
N3 6ZF I . -28.76 -9.90 -16.10
C4 6ZF I . -32.26 -4.54 -15.06
C5 6ZF I . -31.44 -5.58 -15.47
C6 6ZF I . -30.22 -5.28 -16.08
C7 6ZF I . -29.87 -3.94 -16.19
C8 6ZF I . -29.23 -6.34 -16.49
C10 6ZF I . -28.53 -8.61 -16.46
C13 6ZF I . -27.36 -8.26 -17.17
C15 6ZF I . -25.82 -5.08 -18.49
C17 6ZF I . -23.97 -3.41 -18.67
C20 6ZF I . -24.28 -4.64 -16.54
C2 6ZF I . -34.02 -2.38 -14.33
C1 6ZF I . -32.13 -0.80 -14.83
C3 6ZF I . -31.87 -3.20 -15.24
N2 6ZF I . -30.67 -2.93 -15.80
N7 6ZF I . -28.11 -5.96 -17.15
C14 6ZF I . -27.20 -6.86 -17.49
N4 6ZF I . -26.44 -9.22 -17.49
C12 6ZF I . -26.69 -10.47 -17.12
C11 6ZF I . -27.85 -10.82 -16.44
C9 6ZF I . -29.45 -7.64 -16.12
N5 6ZF I . -26.09 -6.46 -18.14
C16 6ZF I . -24.39 -4.74 -18.05
N6 6ZF I . -22.97 -4.17 -16.10
C19 6ZF I . -22.45 -2.98 -16.74
C18 6ZF I . -22.56 -3.04 -18.25
C1 GOL J . 2.80 3.98 -1.51
O1 GOL J . 1.79 4.99 -1.54
C2 GOL J . 4.12 4.46 -2.12
O2 GOL J . 3.91 5.43 -3.17
C3 GOL J . 4.91 3.29 -2.70
O3 GOL J . 4.87 2.15 -1.82
C1 GOL K . -29.10 -16.33 -1.65
O1 GOL K . -30.12 -15.56 -1.02
C2 GOL K . -29.54 -17.79 -1.78
O2 GOL K . -30.71 -17.86 -2.63
C3 GOL K . -28.42 -18.63 -2.39
O3 GOL K . -28.24 -19.83 -1.63
#